data_6RC2
#
_entry.id   6RC2
#
_cell.length_a   62.422
_cell.length_b   76.438
_cell.length_c   118.130
_cell.angle_alpha   90.000
_cell.angle_beta   90.000
_cell.angle_gamma   90.000
#
_symmetry.space_group_name_H-M   'I 2 2 2'
#
loop_
_entity.id
_entity.type
_entity.pdbx_description
1 polymer 'NAD kinase 1'
2 non-polymer 'CITRIC ACID'
3 non-polymer 8-methyl-9-pent-4-ynyl-purin-6-amine
4 water water
#
_entity_poly.entity_id   1
_entity_poly.type   'polypeptide(L)'
_entity_poly.pdbx_seq_one_letter_code
;MKYMITSKGDEKSDLLRLNMIAGFGEYDMEYDDVEPEIVISIGGDGTFLSAFHQYEERLDEIAFIGIHTGHLGFYADWRP
AEADKLVKLLAKGEYQKVSYPLLKTTVKYGIGKKEATYLALNESTVKSSGGPFVVDVVINDIHFERFRGDGLCMSTPSGT
TAYNKSLGGALMHPSIEAMQLTEMASINNRVYRTIGSPLVFPKHHVVSLQPVNDKDFQISVDHLSILHRDVQEIRYEVSA
KKIHFARFRSFPFWRRVHDSFIEDLEHHHHHH
;
_entity_poly.pdbx_strand_id   A
#
loop_
_chem_comp.id
_chem_comp.type
_chem_comp.name
_chem_comp.formula
CIT non-polymer 'CITRIC ACID' 'C6 H8 O7'
JY2 non-polymer 8-methyl-9-pent-4-ynyl-purin-6-amine 'C11 H13 N5'
#
# COMPACT_ATOMS: atom_id res chain seq x y z
N MET A 1 -5.77 -7.29 -25.28
CA MET A 1 -6.07 -5.96 -24.79
C MET A 1 -4.80 -5.12 -24.64
N LYS A 2 -4.96 -3.89 -24.15
CA LYS A 2 -3.82 -3.01 -23.92
C LYS A 2 -3.11 -3.38 -22.63
N TYR A 3 -1.79 -3.43 -22.67
CA TYR A 3 -0.98 -3.80 -21.52
C TYR A 3 0.29 -2.97 -21.49
N MET A 4 0.95 -2.97 -20.33
CA MET A 4 2.29 -2.40 -20.21
C MET A 4 3.03 -3.16 -19.14
N ILE A 5 4.37 -3.09 -19.21
CA ILE A 5 5.24 -3.78 -18.27
C ILE A 5 6.25 -2.79 -17.73
N THR A 6 6.34 -2.70 -16.40
CA THR A 6 7.36 -1.91 -15.73
C THR A 6 8.42 -2.83 -15.16
N SER A 7 9.66 -2.33 -15.11
CA SER A 7 10.81 -3.15 -14.72
C SER A 7 11.60 -2.46 -13.62
N LYS A 8 12.18 -3.28 -12.72
CA LYS A 8 13.05 -2.76 -11.69
C LYS A 8 14.26 -2.04 -12.27
N GLY A 9 14.67 -2.42 -13.48
CA GLY A 9 15.75 -1.77 -14.17
C GLY A 9 17.04 -2.55 -14.24
N ASP A 10 17.20 -3.58 -13.41
CA ASP A 10 18.40 -4.38 -13.48
C ASP A 10 18.37 -5.28 -14.72
N GLU A 11 19.53 -5.81 -15.06
CA GLU A 11 19.67 -6.62 -16.27
C GLU A 11 18.66 -7.76 -16.31
N LYS A 12 18.35 -8.34 -15.14
CA LYS A 12 17.50 -9.52 -15.08
C LYS A 12 16.04 -9.18 -15.37
N SER A 13 15.53 -8.11 -14.76
CA SER A 13 14.12 -7.75 -14.97
C SER A 13 13.89 -7.18 -16.36
N ASP A 14 14.88 -6.47 -16.91
CA ASP A 14 14.72 -5.92 -18.26
C ASP A 14 14.63 -7.02 -19.31
N LEU A 15 15.46 -8.06 -19.16
CA LEU A 15 15.45 -9.14 -20.14
C LEU A 15 14.18 -9.97 -20.04
N LEU A 16 13.65 -10.14 -18.82
CA LEU A 16 12.38 -10.83 -18.67
C LEU A 16 11.25 -10.00 -19.26
N ARG A 17 11.34 -8.67 -19.15
CA ARG A 17 10.32 -7.80 -19.73
C ARG A 17 10.33 -7.88 -21.25
N LEU A 18 11.51 -7.88 -21.87
CA LEU A 18 11.59 -7.97 -23.32
C LEU A 18 11.06 -9.31 -23.82
N ASN A 19 11.27 -10.39 -23.05
CA ASN A 19 10.78 -11.70 -23.49
C ASN A 19 9.26 -11.78 -23.39
N MET A 20 8.67 -11.17 -22.37
CA MET A 20 7.22 -11.18 -22.26
C MET A 20 6.58 -10.33 -23.34
N ILE A 21 7.17 -9.19 -23.66
CA ILE A 21 6.68 -8.36 -24.76
C ILE A 21 6.70 -9.16 -26.07
N ALA A 22 7.82 -9.81 -26.35
CA ALA A 22 7.89 -10.65 -27.55
C ALA A 22 6.88 -11.79 -27.49
N GLY A 23 6.70 -12.38 -26.31
CA GLY A 23 5.67 -13.40 -26.16
C GLY A 23 4.28 -12.84 -26.36
N PHE A 24 4.03 -11.62 -25.88
CA PHE A 24 2.74 -10.98 -26.14
C PHE A 24 2.56 -10.66 -27.61
N GLY A 25 3.65 -10.43 -28.34
CA GLY A 25 3.55 -10.14 -29.76
C GLY A 25 2.95 -11.27 -30.58
N GLU A 26 2.86 -12.46 -30.00
CA GLU A 26 2.24 -13.61 -30.65
C GLU A 26 0.74 -13.70 -30.36
N TYR A 27 0.15 -12.67 -29.76
CA TYR A 27 -1.27 -12.67 -29.44
C TYR A 27 -1.86 -11.31 -29.81
N ASP A 28 -3.18 -11.22 -29.67
CA ASP A 28 -3.91 -9.96 -29.89
C ASP A 28 -3.75 -9.08 -28.65
N MET A 29 -2.53 -8.61 -28.45
CA MET A 29 -2.19 -7.77 -27.32
C MET A 29 -1.43 -6.54 -27.81
N GLU A 30 -1.79 -5.38 -27.29
CA GLU A 30 -1.21 -4.10 -27.70
C GLU A 30 -0.51 -3.46 -26.52
N TYR A 31 0.76 -3.08 -26.70
CA TYR A 31 1.50 -2.40 -25.65
C TYR A 31 1.07 -0.94 -25.60
N ASP A 32 0.62 -0.50 -24.42
CA ASP A 32 0.18 0.89 -24.23
C ASP A 32 0.38 1.22 -22.76
N ASP A 33 1.32 2.12 -22.47
CA ASP A 33 1.59 2.55 -21.10
C ASP A 33 0.79 3.80 -20.71
N VAL A 34 -0.15 4.22 -21.55
CA VAL A 34 -1.01 5.37 -21.26
C VAL A 34 -2.38 4.94 -20.78
N GLU A 35 -3.02 4.01 -21.49
CA GLU A 35 -4.32 3.47 -21.09
C GLU A 35 -4.29 1.95 -21.08
N PRO A 36 -3.42 1.34 -20.26
CA PRO A 36 -3.36 -0.12 -20.23
C PRO A 36 -4.52 -0.70 -19.43
N GLU A 37 -4.86 -1.95 -19.75
CA GLU A 37 -5.79 -2.70 -18.94
C GLU A 37 -5.10 -3.75 -18.08
N ILE A 38 -3.86 -4.10 -18.42
CA ILE A 38 -3.05 -5.05 -17.67
C ILE A 38 -1.72 -4.39 -17.38
N VAL A 39 -1.36 -4.27 -16.10
CA VAL A 39 -0.10 -3.69 -15.68
C VAL A 39 0.72 -4.79 -15.01
N ILE A 40 1.82 -5.16 -15.65
CA ILE A 40 2.70 -6.23 -15.16
C ILE A 40 3.93 -5.58 -14.54
N SER A 41 4.24 -5.95 -13.30
CA SER A 41 5.39 -5.44 -12.58
C SER A 41 6.42 -6.55 -12.44
N ILE A 42 7.66 -6.27 -12.82
CA ILE A 42 8.75 -7.24 -12.76
C ILE A 42 9.85 -6.65 -11.90
N GLY A 43 10.11 -7.28 -10.76
CA GLY A 43 11.13 -6.82 -9.84
C GLY A 43 10.84 -7.22 -8.42
N GLY A 44 10.36 -6.29 -7.61
CA GLY A 44 9.98 -6.58 -6.24
C GLY A 44 8.69 -5.89 -5.87
N ASP A 45 8.34 -5.89 -4.57
CA ASP A 45 7.15 -5.18 -4.14
C ASP A 45 7.30 -3.67 -4.32
N GLY A 46 8.52 -3.15 -4.19
CA GLY A 46 8.74 -1.73 -4.44
C GLY A 46 8.46 -1.37 -5.89
N THR A 47 8.85 -2.25 -6.82
CA THR A 47 8.51 -2.04 -8.22
C THR A 47 7.01 -2.07 -8.42
N PHE A 48 6.31 -2.96 -7.71
CA PHE A 48 4.85 -3.01 -7.83
C PHE A 48 4.21 -1.75 -7.28
N LEU A 49 4.75 -1.20 -6.19
CA LEU A 49 4.20 0.03 -5.62
C LEU A 49 4.28 1.18 -6.60
N SER A 50 5.42 1.32 -7.29
CA SER A 50 5.55 2.39 -8.27
C SER A 50 4.57 2.20 -9.43
N ALA A 51 4.37 0.95 -9.86
CA ALA A 51 3.38 0.68 -10.90
C ALA A 51 1.98 1.05 -10.43
N PHE A 52 1.67 0.76 -9.16
CA PHE A 52 0.36 1.11 -8.62
C PHE A 52 0.16 2.62 -8.60
N HIS A 53 1.12 3.36 -8.05
CA HIS A 53 0.99 4.81 -7.99
C HIS A 53 1.10 5.47 -9.35
N GLN A 54 1.74 4.81 -10.31
CA GLN A 54 1.80 5.36 -11.66
C GLN A 54 0.41 5.41 -12.30
N TYR A 55 -0.46 4.45 -11.97
CA TYR A 55 -1.77 4.35 -12.58
C TYR A 55 -2.89 4.39 -11.54
N GLU A 56 -2.68 5.13 -10.45
CA GLU A 56 -3.67 5.19 -9.38
C GLU A 56 -4.94 5.94 -9.76
N GLU A 57 -5.05 6.41 -10.99
CA GLU A 57 -6.25 7.10 -11.45
C GLU A 57 -7.06 6.27 -12.44
N ARG A 58 -6.59 5.08 -12.80
CA ARG A 58 -7.32 4.15 -13.64
C ARG A 58 -7.44 2.80 -12.93
N LEU A 59 -7.62 2.83 -11.61
CA LEU A 59 -7.62 1.59 -10.82
C LEU A 59 -8.81 0.70 -11.19
N ASP A 60 -9.96 1.30 -11.48
CA ASP A 60 -11.15 0.52 -11.83
C ASP A 60 -11.04 -0.11 -13.21
N GLU A 61 -10.01 0.22 -13.99
CA GLU A 61 -9.87 -0.29 -15.35
C GLU A 61 -8.60 -1.10 -15.56
N ILE A 62 -7.91 -1.49 -14.48
CA ILE A 62 -6.61 -2.14 -14.58
C ILE A 62 -6.59 -3.35 -13.65
N ALA A 63 -6.05 -4.45 -14.14
CA ALA A 63 -5.74 -5.62 -13.32
C ALA A 63 -4.23 -5.74 -13.24
N PHE A 64 -3.70 -5.75 -12.02
CA PHE A 64 -2.26 -5.75 -11.79
C PHE A 64 -1.72 -7.17 -11.66
N ILE A 65 -0.44 -7.33 -12.04
CA ILE A 65 0.30 -8.57 -11.91
C ILE A 65 1.70 -8.25 -11.40
N GLY A 66 2.17 -9.04 -10.44
CA GLY A 66 3.52 -8.87 -9.94
C GLY A 66 4.39 -10.09 -10.16
N ILE A 67 5.60 -9.88 -10.66
CA ILE A 67 6.59 -10.93 -10.85
C ILE A 67 7.84 -10.53 -10.08
N HIS A 68 8.30 -11.41 -9.20
CA HIS A 68 9.48 -11.14 -8.37
C HIS A 68 10.70 -11.80 -9.00
N THR A 69 11.70 -10.98 -9.32
CA THR A 69 12.98 -11.50 -9.79
C THR A 69 13.96 -11.75 -8.65
N GLY A 70 13.69 -11.19 -7.48
CA GLY A 70 14.41 -11.49 -6.26
C GLY A 70 13.64 -12.44 -5.38
N HIS A 71 13.64 -12.16 -4.08
CA HIS A 71 12.90 -12.96 -3.12
CA HIS A 71 12.90 -12.99 -3.14
C HIS A 71 11.41 -12.76 -3.32
N LEU A 72 10.62 -13.66 -2.71
CA LEU A 72 9.16 -13.60 -2.85
C LEU A 72 8.63 -12.27 -2.30
N GLY A 73 7.69 -11.69 -3.02
CA GLY A 73 7.01 -10.49 -2.56
C GLY A 73 5.54 -10.74 -2.30
N PHE A 74 4.90 -9.86 -1.53
CA PHE A 74 3.48 -10.03 -1.25
C PHE A 74 2.61 -9.57 -2.42
N TYR A 75 3.11 -8.67 -3.26
CA TYR A 75 2.42 -8.27 -4.47
C TYR A 75 3.07 -8.87 -5.71
N ALA A 76 4.40 -8.92 -5.75
CA ALA A 76 5.13 -9.65 -6.79
C ALA A 76 5.30 -11.08 -6.30
N ASP A 77 4.28 -11.91 -6.52
CA ASP A 77 4.23 -13.24 -5.96
C ASP A 77 4.30 -14.35 -7.01
N TRP A 78 4.76 -14.05 -8.21
CA TRP A 78 4.93 -15.05 -9.25
C TRP A 78 6.39 -15.11 -9.69
N ARG A 79 6.89 -16.32 -9.90
CA ARG A 79 8.28 -16.54 -10.25
C ARG A 79 8.54 -16.24 -11.72
N PRO A 80 9.78 -15.92 -12.08
CA PRO A 80 10.09 -15.67 -13.50
C PRO A 80 9.85 -16.87 -14.39
N ALA A 81 10.00 -18.10 -13.86
CA ALA A 81 9.79 -19.29 -14.67
C ALA A 81 8.34 -19.45 -15.13
N GLU A 82 7.42 -18.64 -14.60
CA GLU A 82 6.02 -18.68 -15.00
C GLU A 82 5.64 -17.54 -15.93
N ALA A 83 6.63 -16.81 -16.46
CA ALA A 83 6.32 -15.67 -17.32
C ALA A 83 5.65 -16.11 -18.61
N ASP A 84 6.12 -17.22 -19.20
CA ASP A 84 5.51 -17.71 -20.43
C ASP A 84 4.06 -18.15 -20.18
N LYS A 85 3.82 -18.80 -19.05
CA LYS A 85 2.45 -19.21 -18.72
C LYS A 85 1.56 -18.00 -18.43
N LEU A 86 2.14 -16.94 -17.85
CA LEU A 86 1.35 -15.73 -17.61
C LEU A 86 0.95 -15.05 -18.90
N VAL A 87 1.87 -14.98 -19.87
CA VAL A 87 1.56 -14.38 -21.16
C VAL A 87 0.38 -15.10 -21.82
N LYS A 88 0.38 -16.44 -21.76
CA LYS A 88 -0.67 -17.22 -22.40
C LYS A 88 -2.03 -16.91 -21.78
N LEU A 89 -2.12 -16.96 -20.46
CA LEU A 89 -3.41 -16.84 -19.79
C LEU A 89 -3.92 -15.41 -19.74
N LEU A 90 -3.01 -14.43 -19.71
CA LEU A 90 -3.44 -13.04 -19.80
C LEU A 90 -3.97 -12.70 -21.19
N ALA A 91 -3.43 -13.33 -22.23
CA ALA A 91 -3.89 -13.05 -23.59
C ALA A 91 -5.27 -13.64 -23.83
N LYS A 92 -5.49 -14.87 -23.38
CA LYS A 92 -6.82 -15.49 -23.49
C LYS A 92 -7.86 -14.70 -22.71
N GLY A 93 -7.46 -14.07 -21.61
CA GLY A 93 -8.44 -13.46 -20.74
C GLY A 93 -9.11 -14.54 -19.91
N GLU A 94 -10.42 -14.38 -19.70
CA GLU A 94 -11.24 -15.31 -18.92
C GLU A 94 -10.71 -15.53 -17.51
N TYR A 95 -9.73 -14.74 -17.08
CA TYR A 95 -9.17 -14.88 -15.74
C TYR A 95 -10.06 -14.16 -14.73
N GLN A 96 -9.98 -14.62 -13.49
CA GLN A 96 -10.69 -13.99 -12.39
C GLN A 96 -9.85 -12.87 -11.79
N LYS A 97 -10.52 -11.94 -11.13
CA LYS A 97 -9.87 -10.81 -10.48
C LYS A 97 -10.14 -10.84 -8.99
N VAL A 98 -9.18 -10.34 -8.21
CA VAL A 98 -9.34 -10.16 -6.78
C VAL A 98 -9.02 -8.71 -6.45
N SER A 99 -9.68 -8.19 -5.42
CA SER A 99 -9.57 -6.78 -5.04
C SER A 99 -9.13 -6.65 -3.59
N TYR A 100 -8.18 -5.74 -3.34
CA TYR A 100 -7.71 -5.41 -2.02
C TYR A 100 -8.13 -3.98 -1.64
N PRO A 101 -8.40 -3.73 -0.37
CA PRO A 101 -8.79 -2.37 0.04
C PRO A 101 -7.59 -1.43 0.06
N LEU A 102 -7.90 -0.14 0.01
CA LEU A 102 -6.88 0.91 -0.02
C LEU A 102 -7.18 1.93 1.08
N LEU A 103 -6.16 2.71 1.41
CA LEU A 103 -6.25 3.73 2.45
C LEU A 103 -6.27 5.12 1.82
N LYS A 104 -7.23 5.94 2.23
CA LYS A 104 -7.33 7.32 1.77
C LYS A 104 -6.81 8.25 2.85
N THR A 105 -5.86 9.11 2.48
CA THR A 105 -5.30 10.09 3.38
C THR A 105 -5.63 11.49 2.87
N THR A 106 -6.20 12.32 3.74
CA THR A 106 -6.53 13.70 3.40
C THR A 106 -5.72 14.62 4.29
N VAL A 107 -5.05 15.59 3.67
CA VAL A 107 -4.24 16.58 4.38
C VAL A 107 -4.86 17.95 4.12
N LYS A 108 -5.15 18.68 5.20
CA LYS A 108 -5.80 19.98 5.13
C LYS A 108 -4.85 21.04 5.65
N TYR A 109 -4.81 22.18 4.95
CA TYR A 109 -3.96 23.30 5.32
C TYR A 109 -4.83 24.54 5.58
N GLY A 110 -4.17 25.69 5.64
CA GLY A 110 -4.87 26.96 5.78
C GLY A 110 -4.90 27.73 4.48
N LYS A 114 -7.21 24.25 -0.53
CA LYS A 114 -5.94 23.73 -0.04
C LYS A 114 -6.17 22.46 0.77
N GLU A 115 -6.29 21.34 0.06
CA GLU A 115 -6.51 20.03 0.66
C GLU A 115 -6.04 18.98 -0.34
N ALA A 116 -5.19 18.05 0.12
CA ALA A 116 -4.59 17.05 -0.72
C ALA A 116 -5.00 15.65 -0.27
N THR A 117 -5.36 14.81 -1.23
CA THR A 117 -5.77 13.43 -0.96
C THR A 117 -4.77 12.47 -1.59
N TYR A 118 -4.51 11.37 -0.90
CA TYR A 118 -3.54 10.37 -1.36
C TYR A 118 -4.14 8.99 -1.21
N LEU A 119 -3.67 8.07 -2.05
CA LEU A 119 -4.06 6.67 -2.01
C LEU A 119 -2.85 5.83 -1.62
N ALA A 120 -2.99 5.04 -0.58
CA ALA A 120 -1.91 4.20 -0.08
C ALA A 120 -2.25 2.73 -0.28
N LEU A 121 -1.30 1.97 -0.83
CA LEU A 121 -1.46 0.52 -0.94
C LEU A 121 -0.94 -0.20 0.30
N ASN A 122 0.14 0.30 0.89
CA ASN A 122 0.68 -0.27 2.11
C ASN A 122 0.23 0.50 3.34
N GLU A 123 0.77 1.71 3.54
CA GLU A 123 0.49 2.46 4.74
C GLU A 123 0.81 3.93 4.52
N SER A 124 0.38 4.75 5.48
CA SER A 124 0.71 6.17 5.55
C SER A 124 1.16 6.49 6.96
N THR A 125 2.31 7.14 7.10
CA THR A 125 2.87 7.45 8.40
C THR A 125 2.98 8.95 8.59
N VAL A 126 3.01 9.37 9.85
CA VAL A 126 3.14 10.76 10.23
C VAL A 126 4.22 10.87 11.29
N LYS A 127 5.19 11.75 11.08
CA LYS A 127 6.19 12.09 12.09
C LYS A 127 6.35 13.60 12.11
N SER A 128 7.07 14.09 13.11
CA SER A 128 7.34 15.51 13.21
C SER A 128 8.55 15.89 12.36
N SER A 129 8.63 17.19 12.03
CA SER A 129 9.77 17.73 11.29
C SER A 129 10.71 18.39 12.29
N GLY A 130 11.54 17.57 12.93
CA GLY A 130 12.52 18.07 13.86
C GLY A 130 12.09 18.00 15.32
N GLY A 131 11.12 18.82 15.69
CA GLY A 131 10.69 18.94 17.07
C GLY A 131 9.94 17.71 17.56
N PRO A 132 9.34 17.81 18.74
CA PRO A 132 8.57 16.70 19.28
C PRO A 132 7.26 16.52 18.52
N PHE A 133 6.82 15.26 18.43
CA PHE A 133 5.61 14.91 17.72
C PHE A 133 4.49 14.70 18.73
N VAL A 134 3.53 15.62 18.75
CA VAL A 134 2.36 15.52 19.61
C VAL A 134 1.13 15.84 18.75
N VAL A 135 0.18 14.92 18.71
CA VAL A 135 -1.07 15.12 17.99
C VAL A 135 -2.23 14.64 18.83
N ASP A 136 -3.40 15.24 18.60
CA ASP A 136 -4.64 14.76 19.19
C ASP A 136 -5.30 13.79 18.21
N VAL A 137 -5.62 12.60 18.69
CA VAL A 137 -6.22 11.55 17.87
C VAL A 137 -7.73 11.61 18.04
N VAL A 138 -8.45 11.80 16.95
CA VAL A 138 -9.90 11.98 16.95
C VAL A 138 -10.52 10.88 16.12
N ILE A 139 -11.37 10.08 16.75
CA ILE A 139 -12.03 8.95 16.10
C ILE A 139 -13.51 9.29 15.96
N ASN A 140 -13.95 9.49 14.72
CA ASN A 140 -15.34 9.80 14.41
C ASN A 140 -15.83 11.00 15.23
N ASP A 141 -15.02 12.06 15.21
CA ASP A 141 -15.27 13.33 15.89
C ASP A 141 -15.22 13.23 17.40
N ILE A 142 -14.70 12.13 17.95
CA ILE A 142 -14.53 11.95 19.39
C ILE A 142 -13.05 11.97 19.70
N HIS A 143 -12.64 12.86 20.60
CA HIS A 143 -11.23 12.93 21.01
CA HIS A 143 -11.24 12.92 21.00
C HIS A 143 -10.87 11.67 21.78
N PHE A 144 -9.97 10.87 21.21
CA PHE A 144 -9.60 9.59 21.79
C PHE A 144 -8.33 9.63 22.64
N GLU A 145 -7.31 10.35 22.20
CA GLU A 145 -6.05 10.39 22.94
C GLU A 145 -5.20 11.53 22.42
N ARG A 146 -4.27 11.97 23.26
CA ARG A 146 -3.20 12.90 22.87
C ARG A 146 -1.92 12.09 22.77
N PHE A 147 -1.47 11.84 21.54
CA PHE A 147 -0.32 10.99 21.30
C PHE A 147 0.96 11.78 21.34
N ARG A 148 1.92 11.30 22.13
CA ARG A 148 3.26 11.88 22.19
C ARG A 148 4.27 10.76 21.95
N GLY A 149 5.05 10.89 20.88
CA GLY A 149 6.00 9.86 20.55
C GLY A 149 6.69 10.18 19.23
N ASP A 150 7.19 9.12 18.58
CA ASP A 150 7.89 9.30 17.30
C ASP A 150 6.91 9.52 16.16
N GLY A 151 5.79 8.83 16.15
CA GLY A 151 4.83 8.99 15.08
C GLY A 151 3.78 7.90 15.10
N LEU A 152 2.95 7.92 14.05
CA LEU A 152 1.84 6.98 13.91
C LEU A 152 1.86 6.39 12.51
N CYS A 153 1.25 5.22 12.39
CA CYS A 153 1.19 4.49 11.12
C CYS A 153 -0.21 3.93 10.93
N MET A 154 -0.84 4.28 9.81
CA MET A 154 -2.13 3.73 9.41
C MET A 154 -1.89 2.82 8.21
N SER A 155 -2.27 1.55 8.34
CA SER A 155 -1.94 0.53 7.36
C SER A 155 -3.19 -0.06 6.73
N THR A 156 -3.07 -0.44 5.46
CA THR A 156 -4.07 -1.24 4.79
C THR A 156 -3.94 -2.69 5.25
N PRO A 157 -4.93 -3.54 4.93
CA PRO A 157 -4.79 -4.96 5.30
C PRO A 157 -3.59 -5.63 4.64
N SER A 158 -3.40 -5.46 3.33
CA SER A 158 -2.23 -6.03 2.68
C SER A 158 -0.95 -5.33 3.10
N GLY A 159 -1.05 -4.09 3.60
CA GLY A 159 0.10 -3.40 4.14
C GLY A 159 0.49 -3.82 5.54
N THR A 160 -0.32 -4.66 6.19
CA THR A 160 -0.02 -5.08 7.55
C THR A 160 1.26 -5.89 7.65
N THR A 161 1.68 -6.54 6.56
CA THR A 161 2.91 -7.34 6.56
C THR A 161 4.16 -6.49 6.34
N ALA A 162 4.03 -5.18 6.22
CA ALA A 162 5.15 -4.29 5.92
C ALA A 162 5.51 -3.51 7.18
N TYR A 163 5.54 -2.18 7.15
CA TYR A 163 5.95 -1.39 8.31
C TYR A 163 5.06 -1.65 9.52
N ASN A 164 3.78 -1.93 9.28
CA ASN A 164 2.84 -2.23 10.37
C ASN A 164 3.33 -3.41 11.20
N LYS A 165 3.88 -4.43 10.56
CA LYS A 165 4.37 -5.60 11.28
C LYS A 165 5.54 -5.24 12.18
N SER A 166 6.45 -4.39 11.68
CA SER A 166 7.62 -4.00 12.46
C SER A 166 7.25 -3.18 13.69
N LEU A 167 6.05 -2.59 13.72
CA LEU A 167 5.60 -1.78 14.84
C LEU A 167 4.69 -2.56 15.79
N GLY A 168 4.60 -3.87 15.63
CA GLY A 168 3.79 -4.69 16.50
C GLY A 168 2.35 -4.86 16.09
N GLY A 169 1.96 -4.33 14.93
CA GLY A 169 0.60 -4.47 14.48
C GLY A 169 0.26 -5.90 14.08
N ALA A 170 -1.04 -6.15 13.96
CA ALA A 170 -1.51 -7.47 13.59
C ALA A 170 -1.53 -7.64 12.08
N LEU A 171 -1.37 -8.89 11.65
CA LEU A 171 -1.50 -9.25 10.24
C LEU A 171 -2.97 -9.56 9.95
N MET A 172 -3.56 -8.82 9.03
CA MET A 172 -4.97 -8.95 8.70
C MET A 172 -5.13 -9.51 7.29
N HIS A 173 -6.09 -10.42 7.13
CA HIS A 173 -6.36 -10.95 5.81
C HIS A 173 -6.91 -9.83 4.92
N PRO A 174 -6.39 -9.67 3.70
CA PRO A 174 -6.80 -8.51 2.87
C PRO A 174 -8.23 -8.54 2.40
N SER A 175 -9.01 -9.59 2.68
CA SER A 175 -10.43 -9.56 2.37
C SER A 175 -11.23 -8.74 3.37
N ILE A 176 -10.61 -8.32 4.47
CA ILE A 176 -11.26 -7.50 5.49
C ILE A 176 -11.09 -6.05 5.11
N GLU A 177 -12.21 -5.34 4.92
CA GLU A 177 -12.17 -3.92 4.58
C GLU A 177 -11.93 -3.13 5.86
N ALA A 178 -10.68 -2.79 6.12
CA ALA A 178 -10.33 -2.14 7.38
C ALA A 178 -9.00 -1.41 7.22
N MET A 179 -8.65 -0.66 8.26
CA MET A 179 -7.34 -0.03 8.39
C MET A 179 -6.87 -0.20 9.82
N GLN A 180 -5.55 -0.19 10.01
CA GLN A 180 -4.96 -0.45 11.32
C GLN A 180 -4.00 0.67 11.68
N LEU A 181 -4.20 1.25 12.86
CA LEU A 181 -3.34 2.31 13.38
C LEU A 181 -2.37 1.73 14.40
N THR A 182 -1.09 2.00 14.22
CA THR A 182 -0.07 1.58 15.17
C THR A 182 0.78 2.77 15.60
N GLU A 183 1.40 2.65 16.76
CA GLU A 183 2.18 3.72 17.37
C GLU A 183 3.67 3.46 17.18
N MET A 184 4.44 4.56 17.10
CA MET A 184 5.90 4.49 17.06
C MET A 184 6.43 5.12 18.35
N ALA A 185 7.02 4.31 19.21
CA ALA A 185 7.74 4.77 20.40
C ALA A 185 6.93 5.81 21.18
N SER A 186 5.80 5.40 21.76
CA SER A 186 4.94 6.33 22.47
C SER A 186 5.47 6.57 23.89
N ILE A 187 5.26 7.79 24.37
CA ILE A 187 5.59 8.14 25.74
C ILE A 187 4.35 7.88 26.59
N ASN A 188 4.49 7.05 27.61
CA ASN A 188 3.40 6.74 28.53
C ASN A 188 3.92 6.86 29.95
N ASN A 189 3.34 7.78 30.72
CA ASN A 189 3.66 7.94 32.12
C ASN A 189 2.41 8.40 32.86
N ARG A 190 2.59 8.87 34.09
CA ARG A 190 1.45 9.34 34.89
C ARG A 190 0.75 10.51 34.21
N VAL A 191 1.48 11.31 33.43
CA VAL A 191 0.91 12.50 32.81
C VAL A 191 0.38 12.20 31.41
N TYR A 192 1.09 11.39 30.63
CA TYR A 192 0.76 11.16 29.23
C TYR A 192 0.28 9.73 29.03
N ARG A 193 -0.81 9.57 28.28
CA ARG A 193 -1.48 8.29 28.15
CA ARG A 193 -1.46 8.28 28.13
C ARG A 193 -1.82 8.02 26.69
N THR A 194 -1.41 6.86 26.18
CA THR A 194 -1.80 6.36 24.88
C THR A 194 -2.38 4.97 25.05
N ILE A 195 -3.13 4.51 24.05
CA ILE A 195 -3.75 3.20 24.15
C ILE A 195 -2.70 2.08 24.06
N GLY A 196 -1.62 2.33 23.33
CA GLY A 196 -0.59 1.33 23.14
C GLY A 196 -0.95 0.30 22.09
N SER A 197 -2.09 -0.36 22.27
CA SER A 197 -2.50 -1.42 21.37
C SER A 197 -2.74 -0.89 19.96
N PRO A 198 -2.51 -1.70 18.94
CA PRO A 198 -2.96 -1.32 17.60
C PRO A 198 -4.48 -1.25 17.55
N LEU A 199 -4.99 -0.38 16.70
CA LEU A 199 -6.42 -0.17 16.55
C LEU A 199 -6.83 -0.52 15.12
N VAL A 200 -7.88 -1.33 14.98
CA VAL A 200 -8.38 -1.77 13.68
C VAL A 200 -9.73 -1.12 13.47
N PHE A 201 -9.86 -0.37 12.37
CA PHE A 201 -11.06 0.41 12.07
C PHE A 201 -11.76 -0.12 10.84
N PRO A 202 -13.09 -0.24 10.87
CA PRO A 202 -13.82 -0.70 9.69
C PRO A 202 -13.99 0.45 8.69
N LYS A 203 -14.71 0.15 7.61
CA LYS A 203 -15.06 1.19 6.65
C LYS A 203 -15.89 2.27 7.33
N HIS A 204 -15.88 3.47 6.72
CA HIS A 204 -16.68 4.61 7.11
C HIS A 204 -16.24 5.22 8.43
N HIS A 205 -15.31 4.60 9.13
CA HIS A 205 -14.73 5.20 10.32
C HIS A 205 -13.62 6.17 9.91
N VAL A 206 -13.63 7.37 10.50
CA VAL A 206 -12.72 8.44 10.15
C VAL A 206 -11.79 8.69 11.34
N VAL A 207 -10.50 8.52 11.13
CA VAL A 207 -9.49 8.82 12.14
C VAL A 207 -8.81 10.12 11.76
N SER A 208 -8.82 11.09 12.68
CA SER A 208 -8.32 12.43 12.43
C SER A 208 -7.17 12.74 13.37
N LEU A 209 -6.09 13.26 12.81
CA LEU A 209 -4.94 13.73 13.59
C LEU A 209 -4.89 15.25 13.53
N GLN A 210 -4.85 15.88 14.70
CA GLN A 210 -4.91 17.33 14.79
C GLN A 210 -3.73 17.85 15.61
N PRO A 211 -3.02 18.86 15.12
CA PRO A 211 -1.82 19.34 15.83
C PRO A 211 -2.19 20.06 17.12
N VAL A 212 -1.23 20.09 18.04
CA VAL A 212 -1.36 20.79 19.30
C VAL A 212 -0.43 22.00 19.38
N ASN A 213 0.78 21.88 18.84
CA ASN A 213 1.72 22.99 18.81
C ASN A 213 2.34 23.12 17.43
N ASP A 214 3.35 22.30 17.13
CA ASP A 214 3.98 22.33 15.83
C ASP A 214 3.01 21.85 14.77
N LYS A 215 2.94 22.57 13.65
CA LYS A 215 2.00 22.26 12.58
C LYS A 215 2.70 21.83 11.30
N ASP A 216 3.94 21.35 11.40
CA ASP A 216 4.67 20.79 10.27
C ASP A 216 4.96 19.32 10.55
N PHE A 217 4.67 18.46 9.58
CA PHE A 217 4.83 17.02 9.76
C PHE A 217 5.42 16.41 8.50
N GLN A 218 6.24 15.38 8.70
CA GLN A 218 6.74 14.56 7.60
C GLN A 218 5.74 13.43 7.37
N ILE A 219 5.05 13.47 6.23
CA ILE A 219 3.98 12.53 5.93
C ILE A 219 4.45 11.63 4.80
N SER A 220 4.35 10.32 5.02
CA SER A 220 4.70 9.33 4.01
C SER A 220 3.43 8.63 3.51
N VAL A 221 3.45 8.27 2.23
CA VAL A 221 2.41 7.45 1.62
C VAL A 221 3.13 6.40 0.79
N ASP A 222 3.18 5.17 1.28
CA ASP A 222 3.99 4.10 0.68
C ASP A 222 5.44 4.57 0.65
N HIS A 223 6.07 4.67 -0.51
CA HIS A 223 7.48 5.08 -0.59
C HIS A 223 7.65 6.59 -0.58
N LEU A 224 6.62 7.34 -0.97
CA LEU A 224 6.71 8.78 -1.10
C LEU A 224 6.61 9.46 0.28
N SER A 225 7.60 10.29 0.60
CA SER A 225 7.65 11.00 1.88
C SER A 225 7.88 12.48 1.62
N ILE A 226 6.98 13.32 2.13
CA ILE A 226 6.99 14.75 1.84
C ILE A 226 6.79 15.52 3.14
N LEU A 227 7.44 16.67 3.25
CA LEU A 227 7.24 17.57 4.37
C LEU A 227 6.08 18.50 4.07
N HIS A 228 5.03 18.43 4.89
CA HIS A 228 3.87 19.29 4.76
C HIS A 228 3.92 20.37 5.84
N ARG A 229 3.70 21.62 5.44
CA ARG A 229 3.71 22.74 6.37
C ARG A 229 2.32 23.31 6.53
N ASP A 230 2.05 23.81 7.75
CA ASP A 230 0.81 24.51 8.08
C ASP A 230 -0.41 23.63 7.79
N VAL A 231 -0.42 22.44 8.36
CA VAL A 231 -1.53 21.49 8.23
C VAL A 231 -2.42 21.60 9.45
N GLN A 232 -3.73 21.66 9.20
CA GLN A 232 -4.71 21.70 10.28
C GLN A 232 -5.26 20.33 10.65
N GLU A 233 -5.19 19.36 9.75
CA GLU A 233 -5.78 18.06 10.02
C GLU A 233 -5.21 17.03 9.05
N ILE A 234 -4.92 15.84 9.58
CA ILE A 234 -4.63 14.65 8.80
C ILE A 234 -5.76 13.66 9.03
N ARG A 235 -6.31 13.13 7.94
CA ARG A 235 -7.60 12.42 7.98
C ARG A 235 -7.45 11.06 7.29
N TYR A 236 -7.73 9.99 8.03
CA TYR A 236 -7.59 8.64 7.52
C TYR A 236 -8.96 7.97 7.39
N GLU A 237 -9.13 7.21 6.32
CA GLU A 237 -10.38 6.52 6.05
C GLU A 237 -10.09 5.42 5.04
N VAL A 238 -10.83 4.31 5.17
CA VAL A 238 -10.73 3.25 4.16
C VAL A 238 -11.29 3.76 2.85
N SER A 239 -10.49 3.66 1.79
CA SER A 239 -10.85 4.23 0.51
C SER A 239 -12.04 3.49 -0.11
N ALA A 240 -12.82 4.23 -0.91
CA ALA A 240 -13.87 3.60 -1.70
C ALA A 240 -13.30 2.88 -2.91
N LYS A 241 -12.06 3.15 -3.27
CA LYS A 241 -11.40 2.50 -4.40
C LYS A 241 -10.66 1.26 -3.94
N LYS A 242 -10.52 0.30 -4.86
CA LYS A 242 -9.79 -0.94 -4.60
C LYS A 242 -8.82 -1.19 -5.74
N ILE A 243 -7.75 -1.91 -5.43
CA ILE A 243 -6.80 -2.35 -6.44
C ILE A 243 -7.19 -3.74 -6.90
N HIS A 244 -7.18 -3.97 -8.20
CA HIS A 244 -7.64 -5.22 -8.79
C HIS A 244 -6.44 -6.02 -9.29
N PHE A 245 -6.30 -7.25 -8.80
CA PHE A 245 -5.28 -8.18 -9.27
C PHE A 245 -5.91 -9.19 -10.21
N ALA A 246 -5.16 -9.56 -11.24
CA ALA A 246 -5.56 -10.70 -12.08
C ALA A 246 -5.14 -11.98 -11.37
N ARG A 247 -6.10 -12.89 -11.19
CA ARG A 247 -5.89 -14.13 -10.45
C ARG A 247 -5.67 -15.27 -11.44
N PHE A 248 -4.44 -15.75 -11.52
CA PHE A 248 -4.10 -16.80 -12.49
C PHE A 248 -3.93 -18.16 -11.84
N ARG A 249 -3.91 -18.23 -10.50
CA ARG A 249 -4.02 -19.49 -9.75
C ARG A 249 -4.21 -19.13 -8.28
N SER A 250 -4.18 -20.14 -7.41
CA SER A 250 -4.44 -19.98 -5.99
C SER A 250 -3.11 -19.88 -5.24
N PHE A 251 -2.86 -18.71 -4.65
CA PHE A 251 -1.71 -18.48 -3.78
C PHE A 251 -2.24 -17.78 -2.54
N PRO A 252 -2.71 -18.54 -1.54
CA PRO A 252 -3.40 -17.93 -0.40
C PRO A 252 -2.51 -16.94 0.36
N PHE A 253 -3.15 -15.89 0.87
CA PHE A 253 -2.44 -14.86 1.62
C PHE A 253 -1.66 -15.44 2.79
N TRP A 254 -2.29 -16.36 3.54
CA TRP A 254 -1.62 -16.94 4.70
C TRP A 254 -0.43 -17.82 4.27
N ARG A 255 -0.51 -18.43 3.09
CA ARG A 255 0.66 -19.14 2.57
C ARG A 255 1.75 -18.16 2.18
N ARG A 256 1.38 -17.03 1.60
CA ARG A 256 2.34 -15.98 1.29
C ARG A 256 3.00 -15.46 2.56
N VAL A 257 2.23 -15.39 3.65
CA VAL A 257 2.80 -14.98 4.94
C VAL A 257 3.76 -16.03 5.47
N HIS A 258 3.38 -17.31 5.35
CA HIS A 258 4.25 -18.40 5.81
C HIS A 258 5.55 -18.43 5.01
N ASP A 259 5.44 -18.33 3.68
CA ASP A 259 6.63 -18.41 2.84
C ASP A 259 7.58 -17.24 3.08
N SER A 260 7.05 -16.11 3.52
CA SER A 260 7.87 -14.91 3.68
C SER A 260 8.53 -14.83 5.05
N PHE A 261 7.85 -15.29 6.11
CA PHE A 261 8.35 -15.11 7.46
C PHE A 261 8.71 -16.40 8.19
N ILE A 262 8.18 -17.55 7.77
CA ILE A 262 8.41 -18.79 8.50
C ILE A 262 9.50 -19.61 7.82
N GLU A 263 9.24 -20.05 6.58
CA GLU A 263 10.18 -20.93 5.90
C GLU A 263 9.86 -21.01 4.41
N ASP A 264 10.89 -21.07 3.58
CA ASP A 264 10.75 -21.26 2.15
C ASP A 264 9.85 -20.24 1.47
C1 CIT B . -6.73 -16.01 0.09
O1 CIT B . -5.75 -15.57 0.73
O2 CIT B . -7.18 -17.14 0.39
C2 CIT B . -7.38 -15.21 -1.02
C3 CIT B . -6.40 -14.79 -2.10
O7 CIT B . -5.66 -15.96 -2.55
C4 CIT B . -7.14 -14.21 -3.31
C5 CIT B . -7.69 -15.34 -4.15
O3 CIT B . -8.91 -15.59 -4.15
O4 CIT B . -6.94 -16.02 -4.87
C6 CIT B . -5.40 -13.77 -1.57
O5 CIT B . -5.74 -12.58 -1.44
O6 CIT B . -4.25 -14.10 -1.23
C2 JY2 C . 5.83 -6.93 3.13
C4 JY2 C . 6.55 -5.22 1.75
C5 JY2 C . 5.24 -4.99 1.36
C6 JY2 C . 4.23 -5.79 1.88
C8 JY2 C . 6.50 -3.58 0.35
N1 JY2 C . 4.57 -6.75 2.76
CAA JY2 C . 11.43 -1.65 0.45
CAB JY2 C . 7.00 -2.45 -0.54
CAD JY2 C . 11.03 -2.23 1.38
CAF JY2 C . 10.51 -2.92 2.58
CAG JY2 C . 9.02 -3.23 2.39
CAH JY2 C . 8.74 -4.16 1.20
N3 JY2 C . 6.81 -6.19 2.64
N6 JY2 C . 2.96 -5.62 1.53
N7 JY2 C . 5.24 -3.97 0.48
N9 JY2 C . 7.28 -4.33 1.12
#